data_8XTU
#
_entry.id   8XTU
#
_cell.length_a   39.066
_cell.length_b   61.861
_cell.length_c   73.635
_cell.angle_alpha   90.00
_cell.angle_beta   90.00
_cell.angle_gamma   90.00
#
_symmetry.space_group_name_H-M   'P 2 21 21'
#
loop_
_entity.id
_entity.type
_entity.pdbx_description
1 polymer Rab5
2 non-polymer 'MAGNESIUM ION'
3 non-polymer "GUANOSINE-5'-DIPHOSPHATE"
4 water water
#
_entity_poly.entity_id   1
_entity_poly.type   'polypeptide(L)'
_entity_poly.pdbx_seq_one_letter_code
;TRKFKLVLLGESGVGKSSVVQRLMKDAFSEKLNSTVGASFFRYTSNVDDDTAVHFDIWDTAGLERFKSLASMYYRGAAAA
LVVFDIVSADTFEKARYWIRELQANSPETVVMLVGNKKDLESERQVSLADAQQSAGEMGAMYHETSARSGDGVRDAFHAV
AAKLIEAN
;
_entity_poly.pdbx_strand_id   A
#
loop_
_chem_comp.id
_chem_comp.type
_chem_comp.name
_chem_comp.formula
GDP RNA linking GUANOSINE-5'-DIPHOSPHATE 'C10 H15 N5 O11 P2'
MG non-polymer 'MAGNESIUM ION' 'Mg 2'
#
# COMPACT_ATOMS: atom_id res chain seq x y z
N THR A 1 -14.38 -15.38 10.45
CA THR A 1 -13.88 -14.97 9.10
C THR A 1 -12.45 -14.46 9.27
N ARG A 2 -11.49 -15.05 8.55
CA ARG A 2 -10.08 -14.67 8.72
C ARG A 2 -9.87 -13.22 8.32
N LYS A 3 -9.27 -12.42 9.20
CA LYS A 3 -8.91 -11.05 8.84
C LYS A 3 -7.41 -11.02 8.52
N PHE A 4 -7.03 -10.38 7.41
CA PHE A 4 -5.63 -10.22 7.04
C PHE A 4 -5.23 -8.79 7.36
N LYS A 5 -4.23 -8.60 8.22
CA LYS A 5 -3.77 -7.26 8.58
C LYS A 5 -3.00 -6.68 7.40
N LEU A 6 -3.42 -5.51 6.94
CA LEU A 6 -2.69 -4.79 5.90
C LEU A 6 -2.35 -3.40 6.42
N VAL A 7 -1.07 -3.03 6.32
CA VAL A 7 -0.61 -1.76 6.86
C VAL A 7 -0.15 -0.82 5.75
N LEU A 8 -0.19 0.46 6.11
CA LEU A 8 0.21 1.55 5.26
C LEU A 8 1.44 2.20 5.87
N LEU A 9 2.54 2.22 5.11
CA LEU A 9 3.76 2.90 5.47
C LEU A 9 4.13 3.84 4.34
N GLY A 10 5.08 4.75 4.63
CA GLY A 10 5.54 5.77 3.70
C GLY A 10 5.65 7.11 4.42
N GLU A 11 6.25 8.11 3.76
CA GLU A 11 6.47 9.42 4.35
C GLU A 11 5.14 10.12 4.57
N SER A 12 5.17 11.20 5.33
CA SER A 12 3.96 11.96 5.57
C SER A 12 3.58 12.73 4.31
N GLY A 13 2.28 12.79 4.00
CA GLY A 13 1.77 13.59 2.91
C GLY A 13 1.83 12.89 1.55
N VAL A 14 2.32 11.65 1.53
CA VAL A 14 2.39 10.87 0.31
C VAL A 14 0.98 10.43 -0.14
N GLY A 15 0.04 10.30 0.81
CA GLY A 15 -1.38 10.09 0.52
C GLY A 15 -1.98 8.82 1.13
N LYS A 16 -1.26 8.23 2.11
CA LYS A 16 -1.66 7.00 2.75
C LYS A 16 -3.12 7.12 3.20
N SER A 17 -3.38 8.10 4.06
CA SER A 17 -4.72 8.27 4.62
C SER A 17 -5.76 8.44 3.50
N SER A 18 -5.40 9.19 2.46
CA SER A 18 -6.36 9.45 1.38
C SER A 18 -6.59 8.16 0.55
N VAL A 19 -5.56 7.34 0.40
CA VAL A 19 -5.70 6.14 -0.40
C VAL A 19 -6.80 5.28 0.19
N VAL A 20 -6.84 5.22 1.52
CA VAL A 20 -7.70 4.25 2.15
C VAL A 20 -9.10 4.82 2.21
N GLN A 21 -9.20 6.10 2.63
CA GLN A 21 -10.46 6.80 2.53
C GLN A 21 -11.06 6.56 1.15
N ARG A 22 -10.31 6.85 0.09
CA ARG A 22 -10.84 6.58 -1.25
C ARG A 22 -11.32 5.13 -1.36
N LEU A 23 -10.56 4.20 -0.81
CA LEU A 23 -10.94 2.81 -0.97
C LEU A 23 -12.32 2.59 -0.40
N MET A 24 -12.54 3.19 0.77
CA MET A 24 -13.70 2.92 1.57
C MET A 24 -14.93 3.55 0.91
N LYS A 25 -14.81 4.85 0.59
CA LYS A 25 -15.80 5.61 -0.15
C LYS A 25 -16.30 4.84 -1.37
N ASP A 26 -15.37 4.34 -2.20
CA ASP A 26 -15.79 3.67 -3.43
C ASP A 26 -16.45 2.32 -3.12
N ALA A 27 -16.16 1.74 -1.95
CA ALA A 27 -16.67 0.42 -1.64
C ALA A 27 -18.08 0.51 -1.07
N PHE A 28 -18.36 1.63 -0.37
CA PHE A 28 -19.70 1.86 0.16
C PHE A 28 -20.70 2.07 -0.99
N SER A 29 -20.24 2.59 -2.15
CA SER A 29 -21.08 2.83 -3.32
C SER A 29 -21.48 1.55 -4.09
N GLU A 30 -21.32 0.33 -3.51
CA GLU A 30 -22.02 -0.87 -3.96
C GLU A 30 -23.55 -0.67 -3.77
N ALA A 38 -3.48 4.96 16.04
CA ALA A 38 -3.70 4.60 14.61
C ALA A 38 -5.18 4.45 14.29
N SER A 39 -5.48 4.20 13.00
CA SER A 39 -6.84 3.96 12.56
C SER A 39 -6.91 2.63 11.80
N PHE A 40 -8.12 2.05 11.73
CA PHE A 40 -8.31 0.72 11.18
C PHE A 40 -9.55 0.69 10.29
N PHE A 41 -9.48 -0.01 9.16
CA PHE A 41 -10.60 -0.01 8.25
C PHE A 41 -10.85 -1.43 7.76
N ARG A 42 -12.09 -1.89 7.88
CA ARG A 42 -12.38 -3.25 7.47
C ARG A 42 -12.81 -3.18 6.00
N TYR A 43 -12.19 -4.02 5.15
CA TYR A 43 -12.51 -3.97 3.74
C TYR A 43 -12.37 -5.36 3.12
N THR A 44 -13.38 -5.71 2.31
CA THR A 44 -13.39 -6.97 1.58
C THR A 44 -13.09 -6.74 0.10
N SER A 45 -11.99 -7.34 -0.35
CA SER A 45 -11.66 -7.39 -1.75
C SER A 45 -12.27 -8.67 -2.31
N ASN A 46 -13.24 -8.53 -3.20
CA ASN A 46 -13.71 -9.68 -3.94
C ASN A 46 -12.70 -9.99 -5.04
N VAL A 47 -11.90 -11.04 -4.84
CA VAL A 47 -10.89 -11.43 -5.82
C VAL A 47 -11.63 -11.89 -7.07
N ASP A 48 -12.35 -13.00 -6.93
CA ASP A 48 -13.15 -13.60 -7.99
C ASP A 48 -14.58 -13.64 -7.46
N ASP A 49 -15.43 -14.48 -8.05
CA ASP A 49 -16.80 -14.65 -7.58
C ASP A 49 -16.81 -15.73 -6.51
N ASP A 50 -15.64 -16.36 -6.30
CA ASP A 50 -15.57 -17.48 -5.36
C ASP A 50 -14.78 -17.06 -4.12
N THR A 51 -13.81 -16.17 -4.26
CA THR A 51 -12.95 -15.87 -3.12
C THR A 51 -13.02 -14.38 -2.73
N ALA A 52 -13.12 -14.10 -1.43
CA ALA A 52 -13.16 -12.74 -0.92
C ALA A 52 -12.14 -12.62 0.21
N VAL A 53 -11.38 -11.53 0.25
CA VAL A 53 -10.33 -11.42 1.23
C VAL A 53 -10.76 -10.37 2.25
N HIS A 54 -10.70 -10.71 3.52
CA HIS A 54 -11.14 -9.76 4.54
C HIS A 54 -9.90 -9.04 5.07
N PHE A 55 -9.80 -7.75 4.79
CA PHE A 55 -8.62 -7.01 5.19
C PHE A 55 -8.93 -6.12 6.38
N ASP A 56 -8.08 -6.16 7.37
CA ASP A 56 -8.07 -5.08 8.34
C ASP A 56 -6.97 -4.10 7.97
N ILE A 57 -7.36 -2.98 7.37
CA ILE A 57 -6.37 -1.97 6.98
C ILE A 57 -6.07 -1.03 8.14
N TRP A 58 -4.77 -0.83 8.39
CA TRP A 58 -4.26 0.04 9.44
C TRP A 58 -3.58 1.25 8.80
N ASP A 59 -3.83 2.44 9.34
CA ASP A 59 -3.25 3.68 8.88
C ASP A 59 -2.65 4.42 10.08
N THR A 60 -1.49 5.06 9.87
CA THR A 60 -0.58 5.45 10.94
C THR A 60 -0.48 6.96 11.04
N ALA A 61 0.10 7.41 12.17
CA ALA A 61 0.29 8.82 12.55
C ALA A 61 1.77 9.22 12.73
N GLY A 62 2.66 8.30 13.19
CA GLY A 62 4.08 8.60 13.41
C GLY A 62 5.01 7.39 13.28
N LEU A 63 6.19 7.46 13.95
CA LEU A 63 7.21 6.42 13.91
C LEU A 63 8.06 6.42 15.19
N GLU A 64 7.39 6.36 16.35
CA GLU A 64 7.98 6.40 17.71
C GLU A 64 9.19 7.34 17.80
N SER A 68 8.77 0.36 21.13
CA SER A 68 8.49 1.10 19.86
C SER A 68 7.14 0.67 19.28
N LEU A 69 6.28 1.66 18.95
CA LEU A 69 4.95 1.41 18.45
C LEU A 69 5.02 0.88 17.03
N ALA A 70 6.09 1.25 16.32
CA ALA A 70 6.29 0.75 14.98
C ALA A 70 6.19 -0.78 14.96
N SER A 71 6.74 -1.41 16.01
CA SER A 71 6.87 -2.86 16.04
C SER A 71 5.49 -3.46 15.96
N MET A 72 4.62 -2.92 16.81
CA MET A 72 3.24 -3.36 16.90
C MET A 72 2.56 -3.10 15.57
N TYR A 73 2.75 -1.89 15.08
CA TYR A 73 2.14 -1.50 13.82
C TYR A 73 2.39 -2.58 12.76
N TYR A 74 3.64 -3.06 12.63
CA TYR A 74 3.86 -3.96 11.51
C TYR A 74 3.73 -5.41 11.97
N ARG A 75 3.81 -5.64 13.28
CA ARG A 75 3.78 -7.01 13.73
C ARG A 75 2.64 -7.75 13.06
N GLY A 76 2.98 -8.92 12.51
CA GLY A 76 2.02 -9.92 12.15
C GLY A 76 1.30 -9.64 10.83
N ALA A 77 1.66 -8.52 10.16
CA ALA A 77 0.92 -8.08 8.99
C ALA A 77 1.09 -9.09 7.85
N ALA A 78 0.01 -9.32 7.10
CA ALA A 78 0.08 -10.23 5.97
C ALA A 78 0.55 -9.47 4.72
N ALA A 79 0.14 -8.19 4.60
CA ALA A 79 0.59 -7.32 3.52
C ALA A 79 0.83 -5.88 3.99
N ALA A 80 1.58 -5.12 3.18
CA ALA A 80 1.88 -3.73 3.45
C ALA A 80 1.93 -2.93 2.15
N LEU A 81 1.37 -1.73 2.16
CA LEU A 81 1.56 -0.81 1.05
C LEU A 81 2.49 0.29 1.52
N VAL A 82 3.59 0.43 0.78
CA VAL A 82 4.60 1.42 1.03
C VAL A 82 4.43 2.46 -0.06
N VAL A 83 3.73 3.53 0.31
CA VAL A 83 3.38 4.59 -0.61
C VAL A 83 4.50 5.62 -0.62
N PHE A 84 4.78 6.09 -1.83
CA PHE A 84 5.53 7.31 -2.04
C PHE A 84 4.68 8.25 -2.91
N ASP A 85 5.19 9.45 -3.04
CA ASP A 85 4.60 10.47 -3.89
C ASP A 85 5.40 10.49 -5.20
N ILE A 86 4.71 10.40 -6.34
CA ILE A 86 5.38 10.39 -7.65
C ILE A 86 6.10 11.71 -7.92
N VAL A 87 5.76 12.77 -7.18
CA VAL A 87 6.35 14.11 -7.40
C VAL A 87 7.45 14.36 -6.38
N SER A 88 7.69 13.42 -5.48
CA SER A 88 8.80 13.54 -4.52
C SER A 88 9.65 12.27 -4.51
N ALA A 89 10.74 12.27 -5.27
CA ALA A 89 11.66 11.13 -5.29
C ALA A 89 12.30 10.96 -3.91
N ASP A 90 12.26 12.01 -3.11
CA ASP A 90 12.78 11.93 -1.76
C ASP A 90 11.94 10.87 -1.02
N THR A 91 10.61 10.89 -1.23
CA THR A 91 9.70 9.92 -0.64
C THR A 91 9.87 8.53 -1.26
N PHE A 92 10.36 8.48 -2.51
CA PHE A 92 10.64 7.21 -3.18
C PHE A 92 11.78 6.48 -2.47
N GLU A 93 12.90 7.18 -2.22
CA GLU A 93 14.09 6.55 -1.67
C GLU A 93 13.82 6.15 -0.22
N LYS A 94 13.02 6.97 0.48
CA LYS A 94 12.53 6.68 1.81
C LYS A 94 11.70 5.39 1.83
N ALA A 95 10.86 5.18 0.81
CA ALA A 95 10.02 3.98 0.71
C ALA A 95 10.89 2.71 0.67
N ARG A 96 12.01 2.77 -0.04
CA ARG A 96 12.94 1.63 -0.11
C ARG A 96 13.38 1.25 1.31
N TYR A 97 13.82 2.23 2.11
CA TYR A 97 14.07 2.00 3.53
C TYR A 97 12.96 1.18 4.18
N TRP A 98 11.69 1.57 3.96
CA TRP A 98 10.55 0.92 4.61
C TRP A 98 10.43 -0.55 4.20
N ILE A 99 10.77 -0.81 2.95
CA ILE A 99 10.74 -2.14 2.38
C ILE A 99 11.79 -3.04 3.04
N ARG A 100 12.95 -2.47 3.39
CA ARG A 100 14.00 -3.27 4.00
C ARG A 100 13.65 -3.51 5.47
N GLU A 101 13.11 -2.47 6.13
CA GLU A 101 12.50 -2.63 7.43
C GLU A 101 11.59 -3.85 7.46
N LEU A 102 10.54 -3.85 6.64
CA LEU A 102 9.63 -4.98 6.56
C LEU A 102 10.34 -6.29 6.21
N GLN A 103 11.26 -6.26 5.25
CA GLN A 103 11.74 -7.54 4.75
C GLN A 103 12.50 -8.28 5.85
N ALA A 104 13.09 -7.47 6.74
CA ALA A 104 13.97 -7.89 7.82
C ALA A 104 13.18 -8.32 9.06
N ASN A 105 12.22 -7.48 9.47
CA ASN A 105 11.59 -7.63 10.78
C ASN A 105 10.24 -8.30 10.63
N SER A 106 9.77 -8.38 9.40
CA SER A 106 8.43 -8.88 9.15
C SER A 106 8.46 -9.65 7.83
N PRO A 107 9.25 -10.74 7.75
CA PRO A 107 9.58 -11.38 6.48
C PRO A 107 8.40 -12.00 5.73
N GLU A 108 7.41 -12.49 6.47
CA GLU A 108 6.26 -13.18 5.89
C GLU A 108 5.27 -12.19 5.25
N THR A 109 5.41 -10.89 5.51
CA THR A 109 4.52 -9.87 4.96
C THR A 109 4.77 -9.66 3.47
N VAL A 110 3.67 -9.64 2.71
CA VAL A 110 3.70 -9.32 1.29
C VAL A 110 3.81 -7.80 1.13
N VAL A 111 4.74 -7.35 0.30
CA VAL A 111 4.98 -5.92 0.15
C VAL A 111 4.66 -5.49 -1.28
N MET A 112 3.88 -4.43 -1.39
CA MET A 112 3.65 -3.77 -2.66
C MET A 112 4.05 -2.30 -2.50
N LEU A 113 4.96 -1.87 -3.39
CA LEU A 113 5.35 -0.47 -3.45
C LEU A 113 4.34 0.28 -4.31
N VAL A 114 3.89 1.44 -3.81
CA VAL A 114 2.67 2.08 -4.30
C VAL A 114 2.99 3.50 -4.75
N GLY A 115 2.71 3.77 -6.03
CA GLY A 115 3.11 5.00 -6.65
C GLY A 115 1.90 5.90 -6.75
N ASN A 116 1.77 6.75 -5.74
CA ASN A 116 0.55 7.52 -5.55
C ASN A 116 0.73 8.94 -6.09
N LYS A 117 -0.41 9.65 -6.28
CA LYS A 117 -0.52 10.94 -6.95
C LYS A 117 -0.32 10.84 -8.47
N LYS A 118 -0.66 9.69 -9.06
CA LYS A 118 -0.47 9.44 -10.47
C LYS A 118 -1.29 10.44 -11.32
N ASP A 119 -2.22 11.16 -10.70
CA ASP A 119 -3.01 12.16 -11.37
C ASP A 119 -2.12 13.32 -11.81
N LEU A 120 -0.96 13.49 -11.15
CA LEU A 120 -0.05 14.59 -11.46
C LEU A 120 1.00 14.11 -12.48
N GLU A 121 0.52 13.81 -13.69
CA GLU A 121 1.28 13.27 -14.80
C GLU A 121 2.52 14.12 -15.04
N SER A 122 2.35 15.44 -15.04
CA SER A 122 3.35 16.35 -15.56
C SER A 122 4.33 16.78 -14.47
N GLU A 123 3.94 16.60 -13.20
CA GLU A 123 4.78 17.01 -12.08
C GLU A 123 5.64 15.86 -11.58
N ARG A 124 5.43 14.66 -12.16
CA ARG A 124 6.10 13.46 -11.73
C ARG A 124 7.62 13.65 -11.68
N GLN A 125 8.28 13.09 -10.67
CA GLN A 125 9.73 13.09 -10.57
C GLN A 125 10.28 11.67 -10.58
N VAL A 126 9.41 10.69 -10.33
CA VAL A 126 9.85 9.32 -10.27
C VAL A 126 9.38 8.59 -11.52
N SER A 127 10.31 8.23 -12.38
CA SER A 127 9.95 7.36 -13.49
C SER A 127 9.08 6.20 -13.01
N LEU A 128 8.00 5.91 -13.74
CA LEU A 128 7.28 4.67 -13.58
C LEU A 128 8.19 3.45 -13.79
N ALA A 129 9.01 3.49 -14.85
CA ALA A 129 9.88 2.37 -15.17
C ALA A 129 10.87 2.07 -14.05
N ASP A 130 11.54 3.13 -13.58
CA ASP A 130 12.55 3.06 -12.54
C ASP A 130 11.99 2.44 -11.27
N ALA A 131 10.73 2.81 -11.01
CA ALA A 131 10.00 2.41 -9.81
C ALA A 131 9.59 0.95 -9.91
N GLN A 132 9.02 0.52 -11.05
CA GLN A 132 8.72 -0.89 -11.22
C GLN A 132 9.98 -1.72 -11.07
N GLN A 133 11.08 -1.25 -11.69
CA GLN A 133 12.36 -1.95 -11.62
C GLN A 133 12.84 -2.13 -10.17
N SER A 134 12.98 -1.04 -9.40
CA SER A 134 13.35 -1.18 -7.99
C SER A 134 12.46 -2.17 -7.24
N ALA A 135 11.15 -2.14 -7.47
CA ALA A 135 10.26 -3.01 -6.72
C ALA A 135 10.54 -4.49 -7.00
N GLY A 136 10.81 -4.82 -8.28
CA GLY A 136 11.11 -6.18 -8.68
C GLY A 136 12.46 -6.61 -8.11
N GLU A 137 13.40 -5.66 -8.11
CA GLU A 137 14.73 -5.86 -7.55
C GLU A 137 14.63 -6.23 -6.08
N MET A 138 13.62 -5.70 -5.41
CA MET A 138 13.47 -5.85 -3.98
C MET A 138 12.43 -6.92 -3.66
N GLY A 139 11.93 -7.62 -4.67
CA GLY A 139 10.97 -8.69 -4.45
C GLY A 139 9.59 -8.22 -4.01
N ALA A 140 9.28 -6.92 -4.23
CA ALA A 140 8.00 -6.29 -3.92
C ALA A 140 7.19 -6.12 -5.20
N MET A 141 5.87 -6.07 -5.04
CA MET A 141 4.95 -5.68 -6.09
C MET A 141 4.98 -4.17 -6.25
N TYR A 142 4.47 -3.75 -7.41
CA TYR A 142 4.34 -2.34 -7.70
C TYR A 142 2.94 -2.07 -8.20
N HIS A 143 2.51 -0.83 -7.97
CA HIS A 143 1.26 -0.33 -8.48
C HIS A 143 1.30 1.17 -8.24
N GLU A 144 0.64 1.91 -9.14
CA GLU A 144 0.49 3.33 -9.02
C GLU A 144 -0.99 3.64 -8.83
N THR A 145 -1.27 4.70 -8.08
CA THR A 145 -2.66 5.02 -7.74
C THR A 145 -2.89 6.53 -7.70
N SER A 146 -4.15 6.95 -7.88
CA SER A 146 -4.53 8.36 -7.68
C SER A 146 -5.67 8.29 -6.69
N ALA A 147 -5.48 8.81 -5.49
CA ALA A 147 -6.48 8.66 -4.44
C ALA A 147 -7.65 9.64 -4.64
N ARG A 148 -7.49 10.62 -5.53
CA ARG A 148 -8.55 11.60 -5.82
C ARG A 148 -9.43 11.07 -6.94
N SER A 149 -8.79 10.55 -8.00
CA SER A 149 -9.54 9.92 -9.09
C SER A 149 -9.94 8.49 -8.67
N GLY A 150 -9.27 7.93 -7.66
CA GLY A 150 -9.53 6.55 -7.28
C GLY A 150 -8.98 5.62 -8.34
N ASP A 151 -8.21 6.19 -9.27
CA ASP A 151 -7.61 5.40 -10.34
C ASP A 151 -6.58 4.44 -9.74
N GLY A 152 -6.80 3.14 -9.97
CA GLY A 152 -5.81 2.16 -9.61
C GLY A 152 -5.94 1.71 -8.15
N VAL A 153 -6.79 2.40 -7.38
CA VAL A 153 -6.86 2.14 -5.96
C VAL A 153 -7.43 0.75 -5.73
N ARG A 154 -8.67 0.51 -6.16
CA ARG A 154 -9.27 -0.80 -5.98
C ARG A 154 -8.35 -1.85 -6.62
N ASP A 155 -7.71 -1.51 -7.73
CA ASP A 155 -6.89 -2.47 -8.46
C ASP A 155 -5.73 -2.98 -7.58
N ALA A 156 -5.11 -2.05 -6.84
CA ALA A 156 -4.01 -2.32 -5.94
C ALA A 156 -4.41 -3.34 -4.87
N PHE A 157 -5.52 -3.07 -4.18
CA PHE A 157 -5.94 -3.98 -3.12
C PHE A 157 -6.35 -5.34 -3.68
N HIS A 158 -7.01 -5.36 -4.85
CA HIS A 158 -7.36 -6.62 -5.47
C HIS A 158 -6.11 -7.45 -5.71
N ALA A 159 -5.02 -6.80 -6.16
CA ALA A 159 -3.76 -7.48 -6.49
C ALA A 159 -3.13 -8.14 -5.26
N VAL A 160 -2.96 -7.37 -4.20
CA VAL A 160 -2.36 -7.91 -2.98
C VAL A 160 -3.15 -9.13 -2.55
N ALA A 161 -4.50 -9.01 -2.57
CA ALA A 161 -5.41 -10.08 -2.17
C ALA A 161 -5.23 -11.31 -3.05
N ALA A 162 -5.11 -11.09 -4.37
CA ALA A 162 -4.75 -12.18 -5.25
C ALA A 162 -3.49 -12.86 -4.71
N LYS A 163 -2.46 -12.07 -4.45
CA LYS A 163 -1.16 -12.62 -4.09
C LYS A 163 -1.29 -13.46 -2.81
N LEU A 164 -2.15 -13.03 -1.89
CA LEU A 164 -2.21 -13.67 -0.58
C LEU A 164 -3.01 -14.96 -0.61
N ILE A 165 -4.06 -15.00 -1.44
CA ILE A 165 -4.74 -16.23 -1.83
C ILE A 165 -3.71 -17.22 -2.36
N GLU A 166 -2.91 -16.78 -3.34
CA GLU A 166 -1.87 -17.60 -3.95
C GLU A 166 -0.86 -18.02 -2.86
MG MG B . -1.83 10.19 6.99
PB GDP C . -0.56 10.89 4.39
O1B GDP C . -1.63 10.03 5.00
O2B GDP C . 0.47 10.10 3.65
O3B GDP C . 0.06 11.88 5.35
O3A GDP C . -1.30 11.79 3.28
PA GDP C . -2.80 12.39 3.25
O1A GDP C . -3.02 13.23 4.46
O2A GDP C . -3.75 11.26 2.96
O5' GDP C . -2.73 13.35 1.96
C5' GDP C . -1.62 14.29 1.86
C4' GDP C . -1.90 15.36 0.83
O4' GDP C . -1.78 14.80 -0.50
C3' GDP C . -3.30 16.01 0.90
O3' GDP C . -3.22 17.39 0.60
C2' GDP C . -4.07 15.18 -0.14
O2' GDP C . -5.17 15.80 -0.79
C1' GDP C . -3.00 14.95 -1.19
N9 GDP C . -3.25 13.75 -1.97
C8 GDP C . -3.50 12.48 -1.52
N7 GDP C . -3.70 11.62 -2.48
C5 GDP C . -3.57 12.36 -3.64
C6 GDP C . -3.68 11.98 -5.00
O6 GDP C . -3.92 10.86 -5.48
N1 GDP C . -3.48 13.06 -5.85
C2 GDP C . -3.22 14.36 -5.46
N2 GDP C . -3.03 15.28 -6.42
N3 GDP C . -3.08 14.71 -4.18
C4 GDP C . -3.32 13.68 -3.34
#